data_6QSR
#
_entry.id   6QSR
#
_cell.length_a   144.680
_cell.length_b   47.770
_cell.length_c   42.680
_cell.angle_alpha   90.00
_cell.angle_beta   104.65
_cell.angle_gamma   90.00
#
_symmetry.space_group_name_H-M   'C 1 2 1'
#
loop_
_entity.id
_entity.type
_entity.pdbx_description
1 polymer 'AMP-dependent synthetase and ligase'
2 polymer 'Beta-hydroxyacyl-(Acyl-carrier-protein) dehydratase FabA/FabZ'
3 non-polymer 'SODIUM ION'
4 water water
#
loop_
_entity_poly.entity_id
_entity_poly.type
_entity_poly.pdbx_seq_one_letter_code
_entity_poly.pdbx_strand_id
1 'polypeptide(L)'
;MKPIEIHREQPAQHEAMIQLYLDPTLDWFRGHFPVQPLLPGVAQIDWVMHYAQTLLAPGWSFSSIEMVKFQFPLQPGNTL
LLKINWDEKKHLLTFRYDLDTHNGSEGQTASQGKIKLCR
;
A
2 'polypeptide(L)'
;MWSHPQFEKENLYFQGPDYLPVDRYLPVDRYLPHEAPMVLLEQVINVSDNHVHCQVTVSRDGVLSPFLNQDGHLPGWFAI
EMMAQAIGVWSGWHRKERKEADSALGMLLGGRAVRCQVPAFTQGSVLDIQMNLLLQDEKFGSFEGEISCYGTVLVTGRLN
TYQPNKTELIQLINKQDGVA
;
B
#
loop_
_chem_comp.id
_chem_comp.type
_chem_comp.name
_chem_comp.formula
NA non-polymer 'SODIUM ION' 'Na 1'
#
# COMPACT_ATOMS: atom_id res chain seq x y z
N MET A 1 5.51 6.76 12.37
CA MET A 1 4.87 6.59 11.02
C MET A 1 5.02 7.80 10.10
N LYS A 2 5.08 9.02 10.65
CA LYS A 2 5.29 10.23 9.83
C LYS A 2 6.79 10.44 9.56
N PRO A 3 7.14 10.92 8.34
CA PRO A 3 8.55 11.19 8.06
C PRO A 3 8.98 12.57 8.57
N ILE A 4 10.26 12.90 8.37
CA ILE A 4 10.80 14.18 8.85
C ILE A 4 10.43 15.28 7.84
N GLU A 5 9.75 16.31 8.32
CA GLU A 5 9.34 17.41 7.46
C GLU A 5 10.41 18.50 7.47
N ILE A 6 11.02 18.74 6.31
CA ILE A 6 12.07 19.74 6.15
C ILE A 6 11.45 21.13 5.91
N HIS A 7 10.41 21.19 5.07
CA HIS A 7 9.79 22.46 4.68
C HIS A 7 8.37 22.22 4.15
N ARG A 8 7.46 23.17 4.38
CA ARG A 8 6.17 23.18 3.68
C ARG A 8 5.85 24.56 3.13
N GLU A 9 5.19 24.55 1.98
CA GLU A 9 4.66 25.75 1.34
C GLU A 9 3.23 25.47 0.93
N GLN A 10 2.48 26.56 0.77
CA GLN A 10 1.08 26.51 0.40
C GLN A 10 0.83 27.75 -0.46
N PRO A 11 1.18 27.69 -1.76
CA PRO A 11 1.02 28.85 -2.66
C PRO A 11 -0.42 29.25 -2.98
N ALA A 12 -1.35 28.30 -2.81
CA ALA A 12 -2.79 28.57 -2.87
C ALA A 12 -3.44 27.80 -1.72
N GLN A 13 -4.66 28.16 -1.33
CA GLN A 13 -5.33 27.45 -0.23
C GLN A 13 -5.64 25.97 -0.55
N HIS A 14 -5.63 25.62 -1.84
CA HIS A 14 -5.94 24.27 -2.31
C HIS A 14 -4.71 23.44 -2.75
N GLU A 15 -3.51 23.99 -2.57
CA GLU A 15 -2.26 23.33 -2.98
C GLU A 15 -1.27 23.28 -1.82
N ALA A 16 -0.46 22.23 -1.80
CA ALA A 16 0.67 22.15 -0.87
C ALA A 16 1.87 21.49 -1.49
N MET A 17 3.05 21.97 -1.09
CA MET A 17 4.33 21.41 -1.47
C MET A 17 5.05 21.12 -0.17
N ILE A 18 5.48 19.87 0.01
CA ILE A 18 6.13 19.45 1.25
C ILE A 18 7.44 18.74 0.90
N GLN A 19 8.51 19.14 1.57
CA GLN A 19 9.80 18.47 1.41
C GLN A 19 9.98 17.53 2.60
N LEU A 20 10.17 16.25 2.30
CA LEU A 20 10.24 15.18 3.29
C LEU A 20 11.52 14.40 3.19
N TYR A 21 12.02 13.97 4.34
CA TYR A 21 13.25 13.18 4.41
C TYR A 21 12.94 11.81 5.00
N LEU A 22 13.44 10.76 4.37
CA LEU A 22 13.25 9.39 4.81
C LEU A 22 14.43 8.95 5.67
N ASP A 23 14.18 8.82 6.98
CA ASP A 23 15.20 8.35 7.92
C ASP A 23 15.24 6.82 7.95
N PRO A 24 16.45 6.22 8.06
CA PRO A 24 16.57 4.76 8.23
C PRO A 24 15.72 4.13 9.34
N THR A 25 15.42 4.88 10.40
CA THR A 25 14.68 4.35 11.55
C THR A 25 13.16 4.50 11.44
N LEU A 26 12.69 5.10 10.35
CA LEU A 26 11.27 5.17 10.03
C LEU A 26 10.66 3.77 10.03
N ASP A 27 9.60 3.57 10.82
CA ASP A 27 9.10 2.22 11.10
C ASP A 27 8.51 1.45 9.90
N TRP A 28 8.06 2.19 8.87
CA TRP A 28 7.66 1.60 7.57
C TRP A 28 8.71 0.67 6.94
N PHE A 29 10.00 0.99 7.15
CA PHE A 29 11.09 0.18 6.62
C PHE A 29 11.35 -1.11 7.39
N ARG A 30 10.87 -1.19 8.64
CA ARG A 30 11.08 -2.39 9.48
C ARG A 30 10.44 -3.64 8.88
N GLY A 31 11.27 -4.61 8.51
CA GLY A 31 10.81 -5.84 7.85
C GLY A 31 10.34 -5.64 6.41
N HIS A 32 10.69 -4.51 5.81
CA HIS A 32 10.24 -4.15 4.47
C HIS A 32 11.38 -3.41 3.75
N PHE A 33 12.45 -4.12 3.34
CA PHE A 33 12.65 -5.56 3.49
C PHE A 33 14.05 -5.85 4.06
N PRO A 34 14.28 -7.07 4.57
CA PRO A 34 15.62 -7.42 5.07
C PRO A 34 16.77 -7.11 4.08
N VAL A 35 16.63 -7.51 2.82
CA VAL A 35 17.69 -7.27 1.80
C VAL A 35 17.76 -5.83 1.26
N GLN A 36 16.68 -5.05 1.40
CA GLN A 36 16.65 -3.66 0.97
C GLN A 36 15.49 -2.95 1.67
N PRO A 37 15.78 -1.89 2.46
CA PRO A 37 14.63 -1.08 2.91
C PRO A 37 14.00 -0.31 1.74
N LEU A 38 12.69 -0.50 1.55
CA LEU A 38 11.94 0.22 0.52
C LEU A 38 10.71 0.80 1.17
N LEU A 39 10.36 2.03 0.77
CA LEU A 39 9.17 2.68 1.31
C LEU A 39 7.93 2.06 0.66
N PRO A 40 7.01 1.46 1.46
CA PRO A 40 5.79 0.92 0.87
C PRO A 40 4.94 1.97 0.15
N GLY A 41 4.27 1.54 -0.92
CA GLY A 41 3.32 2.37 -1.67
C GLY A 41 2.22 2.96 -0.81
N VAL A 42 1.72 2.16 0.13
CA VAL A 42 0.70 2.60 1.08
C VAL A 42 1.15 3.75 2.00
N ALA A 43 2.44 3.80 2.35
CA ALA A 43 2.96 4.89 3.19
C ALA A 43 2.89 6.22 2.47
N GLN A 44 3.16 6.19 1.17
CA GLN A 44 3.07 7.36 0.30
C GLN A 44 1.63 7.88 0.20
N ILE A 45 0.68 6.97 0.17
CA ILE A 45 -0.75 7.32 0.20
C ILE A 45 -1.14 7.86 1.58
N ASP A 46 -0.61 7.21 2.62
CA ASP A 46 -0.88 7.58 4.02
C ASP A 46 -0.54 9.07 4.28
N TRP A 47 0.63 9.53 3.83
CA TRP A 47 1.05 10.91 4.04
C TRP A 47 0.26 11.92 3.20
N VAL A 48 -0.03 11.56 1.95
CA VAL A 48 -0.95 12.35 1.13
C VAL A 48 -2.25 12.61 1.89
N MET A 49 -2.83 11.56 2.47
CA MET A 49 -4.06 11.72 3.25
C MET A 49 -3.88 12.57 4.51
N HIS A 50 -2.73 12.49 5.18
CA HIS A 50 -2.44 13.30 6.38
C HIS A 50 -2.40 14.79 6.05
N TYR A 51 -1.63 15.16 5.03
CA TYR A 51 -1.53 16.54 4.61
C TYR A 51 -2.83 17.05 3.98
N ALA A 52 -3.53 16.18 3.26
CA ALA A 52 -4.84 16.54 2.67
C ALA A 52 -5.87 16.86 3.75
N GLN A 53 -6.06 15.93 4.68
CA GLN A 53 -7.03 16.09 5.76
C GLN A 53 -6.66 17.17 6.82
N THR A 54 -5.38 17.57 6.89
CA THR A 54 -4.94 18.62 7.82
C THR A 54 -4.79 20.02 7.19
N LEU A 55 -4.37 20.10 5.93
CA LEU A 55 -4.13 21.38 5.25
C LEU A 55 -5.18 21.77 4.20
N LEU A 56 -5.70 20.79 3.46
CA LEU A 56 -6.45 21.07 2.22
C LEU A 56 -7.95 20.84 2.33
N ALA A 57 -8.33 19.68 2.84
CA ALA A 57 -9.72 19.23 2.88
C ALA A 57 -10.11 18.71 4.26
N PRO A 58 -10.09 19.60 5.29
CA PRO A 58 -10.50 19.17 6.64
C PRO A 58 -11.96 18.71 6.67
N GLY A 59 -12.22 17.62 7.38
CA GLY A 59 -13.57 17.04 7.44
C GLY A 59 -13.96 16.12 6.29
N TRP A 60 -13.09 15.97 5.29
CA TRP A 60 -13.30 15.06 4.18
C TRP A 60 -12.62 13.72 4.47
N SER A 61 -13.25 12.64 4.01
CA SER A 61 -12.79 11.29 4.28
C SER A 61 -12.40 10.59 2.99
N PHE A 62 -11.61 9.53 3.14
CA PHE A 62 -11.19 8.71 2.02
C PHE A 62 -12.34 7.97 1.34
N SER A 63 -12.35 7.96 0.00
CA SER A 63 -13.32 7.20 -0.78
C SER A 63 -12.67 6.18 -1.72
N SER A 64 -11.75 6.62 -2.56
CA SER A 64 -11.10 5.71 -3.50
C SER A 64 -9.73 6.20 -3.95
N ILE A 65 -8.92 5.26 -4.43
CA ILE A 65 -7.72 5.57 -5.21
C ILE A 65 -8.13 5.21 -6.63
N GLU A 66 -8.48 6.24 -7.41
CA GLU A 66 -8.81 6.06 -8.82
C GLU A 66 -7.65 5.52 -9.65
N MET A 67 -6.47 6.10 -9.45
CA MET A 67 -5.28 5.65 -10.16
C MET A 67 -4.08 6.04 -9.30
N VAL A 68 -3.16 5.10 -9.12
CA VAL A 68 -1.86 5.39 -8.55
C VAL A 68 -0.78 4.63 -9.31
N LYS A 69 0.37 5.29 -9.51
CA LYS A 69 1.51 4.68 -10.18
C LYS A 69 2.75 4.91 -9.33
N PHE A 70 3.43 3.83 -9.00
CA PHE A 70 4.70 3.88 -8.30
C PHE A 70 5.76 3.51 -9.32
N GLN A 71 6.52 4.49 -9.78
CA GLN A 71 7.40 4.32 -10.92
C GLN A 71 8.91 4.37 -10.60
N PHE A 72 9.27 4.57 -9.33
CA PHE A 72 10.67 4.53 -8.90
C PHE A 72 10.75 4.14 -7.42
N PRO A 73 11.65 3.20 -7.04
CA PRO A 73 11.71 2.81 -5.63
C PRO A 73 12.34 3.87 -4.74
N LEU A 74 11.81 4.01 -3.53
CA LEU A 74 12.27 4.98 -2.55
C LEU A 74 12.86 4.25 -1.36
N GLN A 75 13.97 4.77 -0.84
CA GLN A 75 14.73 4.13 0.23
C GLN A 75 15.20 5.18 1.25
N PRO A 76 15.71 4.73 2.42
CA PRO A 76 16.19 5.71 3.38
C PRO A 76 17.34 6.56 2.84
N GLY A 77 17.37 7.83 3.27
CA GLY A 77 18.32 8.80 2.75
C GLY A 77 17.75 9.68 1.65
N ASN A 78 16.67 9.24 1.00
CA ASN A 78 16.02 10.02 -0.05
C ASN A 78 15.29 11.22 0.54
N THR A 79 15.32 12.33 -0.21
CA THR A 79 14.52 13.50 0.07
C THR A 79 13.46 13.53 -1.03
N LEU A 80 12.22 13.75 -0.61
CA LEU A 80 11.06 13.77 -1.49
C LEU A 80 10.46 15.16 -1.53
N LEU A 81 9.93 15.53 -2.69
CA LEU A 81 9.08 16.70 -2.81
C LEU A 81 7.69 16.20 -3.15
N LEU A 82 6.75 16.45 -2.24
CA LEU A 82 5.35 16.01 -2.38
C LEU A 82 4.48 17.20 -2.76
N LYS A 83 3.81 17.10 -3.91
CA LYS A 83 2.93 18.13 -4.43
C LYS A 83 1.53 17.55 -4.38
N ILE A 84 0.59 18.27 -3.75
CA ILE A 84 -0.81 17.84 -3.62
C ILE A 84 -1.73 18.97 -4.06
N ASN A 85 -2.75 18.63 -4.84
CA ASN A 85 -3.78 19.57 -5.27
C ASN A 85 -5.14 19.00 -4.90
N TRP A 86 -5.97 19.81 -4.25
CA TRP A 86 -7.33 19.44 -3.87
C TRP A 86 -8.32 20.23 -4.73
N ASP A 87 -9.14 19.52 -5.50
CA ASP A 87 -10.18 20.11 -6.32
C ASP A 87 -11.52 19.74 -5.69
N GLU A 88 -12.06 20.67 -4.90
CA GLU A 88 -13.23 20.41 -4.08
C GLU A 88 -14.47 20.09 -4.92
N LYS A 89 -14.66 20.84 -6.01
CA LYS A 89 -15.78 20.63 -6.91
C LYS A 89 -15.75 19.26 -7.60
N LYS A 90 -14.55 18.74 -7.86
CA LYS A 90 -14.37 17.40 -8.47
C LYS A 90 -14.28 16.26 -7.42
N HIS A 91 -14.26 16.60 -6.13
CA HIS A 91 -13.99 15.66 -5.03
C HIS A 91 -12.61 15.00 -5.17
N LEU A 92 -11.67 15.68 -5.82
CA LEU A 92 -10.47 15.03 -6.38
C LEU A 92 -9.17 15.60 -5.81
N LEU A 93 -8.40 14.70 -5.21
CA LEU A 93 -7.10 14.97 -4.66
C LEU A 93 -6.07 14.33 -5.60
N THR A 94 -5.14 15.13 -6.09
CA THR A 94 -4.08 14.67 -6.98
C THR A 94 -2.76 14.90 -6.30
N PHE A 95 -1.82 13.99 -6.52
CA PHE A 95 -0.49 14.07 -5.89
C PHE A 95 0.62 13.55 -6.77
N ARG A 96 1.83 13.99 -6.44
CA ARG A 96 3.01 13.56 -7.14
C ARG A 96 4.15 13.63 -6.14
N TYR A 97 4.95 12.57 -6.06
CA TYR A 97 6.19 12.57 -5.29
C TYR A 97 7.34 12.64 -6.28
N ASP A 98 8.21 13.62 -6.12
CA ASP A 98 9.41 13.74 -6.94
C ASP A 98 10.62 13.54 -6.07
N LEU A 99 11.62 12.85 -6.59
CA LEU A 99 12.93 12.77 -5.95
C LEU A 99 13.57 14.16 -6.02
N ASP A 100 14.08 14.64 -4.90
CA ASP A 100 14.59 16.01 -4.77
C ASP A 100 15.95 16.12 -5.46
N GLN A 108 13.30 10.86 -11.31
CA GLN A 108 12.69 12.15 -10.98
C GLN A 108 11.33 11.92 -10.29
N THR A 109 10.26 11.65 -11.05
CA THR A 109 8.95 11.35 -10.43
C THR A 109 8.97 9.93 -9.89
N ALA A 110 8.66 9.79 -8.60
CA ALA A 110 8.65 8.51 -7.93
C ALA A 110 7.25 7.92 -7.99
N SER A 111 6.25 8.74 -7.71
CA SER A 111 4.87 8.26 -7.77
C SER A 111 3.89 9.38 -8.06
N GLN A 112 2.70 9.01 -8.50
CA GLN A 112 1.66 9.97 -8.80
C GLN A 112 0.31 9.30 -8.73
N GLY A 113 -0.70 10.04 -8.31
CA GLY A 113 -2.04 9.45 -8.27
C GLY A 113 -3.20 10.39 -8.08
N LYS A 114 -4.40 9.78 -8.13
CA LYS A 114 -5.67 10.48 -8.03
C LYS A 114 -6.56 9.76 -7.01
N ILE A 115 -6.95 10.49 -5.97
CA ILE A 115 -7.76 9.96 -4.86
C ILE A 115 -9.09 10.70 -4.83
N LYS A 116 -10.20 9.99 -4.64
CA LYS A 116 -11.47 10.65 -4.39
C LYS A 116 -11.76 10.71 -2.89
N LEU A 117 -12.24 11.85 -2.44
CA LEU A 117 -12.69 12.03 -1.05
C LEU A 117 -14.21 12.18 -1.04
N CYS A 118 -14.80 11.93 0.13
CA CYS A 118 -16.25 12.11 0.36
C CYS A 118 -16.42 12.78 1.71
N ARG A 119 -17.58 13.41 1.92
CA ARG A 119 -17.80 14.22 3.10
C ARG A 119 -18.95 13.66 3.93
N ARG B 24 -3.92 -27.31 4.92
CA ARG B 24 -3.16 -26.44 5.87
C ARG B 24 -2.11 -25.60 5.15
N TYR B 25 -1.86 -24.42 5.71
CA TYR B 25 -0.92 -23.47 5.17
C TYR B 25 0.06 -23.08 6.27
N LEU B 26 1.26 -22.70 5.88
CA LEU B 26 2.22 -22.08 6.78
C LEU B 26 1.65 -20.75 7.32
N PRO B 27 2.23 -20.22 8.41
CA PRO B 27 1.89 -18.86 8.85
C PRO B 27 2.09 -17.87 7.69
N VAL B 28 1.17 -16.93 7.53
CA VAL B 28 1.13 -16.10 6.32
C VAL B 28 2.46 -15.35 6.03
N ASP B 29 3.16 -14.93 7.09
CA ASP B 29 4.51 -14.32 6.94
C ASP B 29 5.54 -15.19 6.22
N ARG B 30 5.42 -16.52 6.32
CA ARG B 30 6.35 -17.44 5.64
C ARG B 30 6.27 -17.43 4.10
N TYR B 31 5.16 -16.93 3.55
CA TYR B 31 5.00 -16.77 2.10
C TYR B 31 5.45 -15.40 1.55
N LEU B 32 5.84 -14.48 2.42
CA LEU B 32 6.20 -13.10 2.03
C LEU B 32 7.65 -12.77 2.33
N PRO B 33 8.28 -11.91 1.51
CA PRO B 33 9.58 -11.36 1.92
C PRO B 33 9.44 -10.43 3.15
N HIS B 34 8.25 -9.85 3.31
CA HIS B 34 7.88 -9.00 4.46
C HIS B 34 8.12 -9.71 5.77
N GLU B 35 8.45 -8.93 6.80
CA GLU B 35 8.52 -9.40 8.17
C GLU B 35 7.79 -8.41 9.08
N ALA B 36 7.34 -8.89 10.24
CA ALA B 36 6.75 -8.03 11.27
C ALA B 36 7.68 -6.86 11.59
N PRO B 37 7.17 -5.63 11.74
CA PRO B 37 5.75 -5.29 11.82
C PRO B 37 5.01 -5.02 10.47
N MET B 38 5.65 -5.27 9.32
CA MET B 38 5.07 -4.98 8.01
C MET B 38 4.37 -6.15 7.32
N VAL B 39 3.87 -7.12 8.08
CA VAL B 39 2.97 -8.14 7.55
C VAL B 39 1.60 -7.74 8.07
N LEU B 40 0.69 -7.44 7.14
CA LEU B 40 -0.62 -6.91 7.47
C LEU B 40 -1.74 -7.94 7.22
N LEU B 41 -1.40 -9.23 7.22
CA LEU B 41 -2.38 -10.31 7.15
C LEU B 41 -2.09 -11.29 8.27
N GLU B 42 -3.10 -12.06 8.67
CA GLU B 42 -2.99 -13.01 9.77
C GLU B 42 -3.18 -14.48 9.38
N GLN B 43 -3.96 -14.77 8.34
CA GLN B 43 -4.34 -16.14 8.02
C GLN B 43 -4.45 -16.36 6.50
N VAL B 44 -3.81 -17.42 5.98
CA VAL B 44 -4.07 -17.89 4.62
C VAL B 44 -5.29 -18.83 4.71
N ILE B 45 -6.35 -18.51 3.97
CA ILE B 45 -7.56 -19.33 3.95
C ILE B 45 -7.54 -20.30 2.76
N ASN B 46 -7.18 -19.81 1.58
CA ASN B 46 -7.13 -20.65 0.39
C ASN B 46 -6.18 -20.06 -0.65
N VAL B 47 -5.53 -20.95 -1.40
CA VAL B 47 -4.72 -20.56 -2.55
C VAL B 47 -4.92 -21.58 -3.67
N SER B 48 -5.00 -21.08 -4.90
CA SER B 48 -5.05 -21.94 -6.08
C SER B 48 -4.28 -21.26 -7.21
N ASP B 49 -4.24 -21.89 -8.37
CA ASP B 49 -3.51 -21.35 -9.52
C ASP B 49 -4.00 -19.99 -10.01
N ASN B 50 -5.24 -19.60 -9.72
CA ASN B 50 -5.74 -18.29 -10.16
C ASN B 50 -6.42 -17.44 -9.06
N HIS B 51 -6.22 -17.79 -7.79
CA HIS B 51 -6.99 -17.21 -6.68
C HIS B 51 -6.22 -17.29 -5.36
N VAL B 52 -6.39 -16.27 -4.52
CA VAL B 52 -5.92 -16.31 -3.15
C VAL B 52 -6.94 -15.65 -2.21
N HIS B 53 -7.16 -16.29 -1.07
CA HIS B 53 -8.02 -15.79 0.00
C HIS B 53 -7.20 -15.77 1.29
N CYS B 54 -7.08 -14.58 1.87
CA CYS B 54 -6.42 -14.35 3.15
C CYS B 54 -7.34 -13.55 4.06
N GLN B 55 -7.02 -13.58 5.34
CA GLN B 55 -7.87 -13.00 6.36
C GLN B 55 -7.06 -12.21 7.38
N VAL B 56 -7.68 -11.17 7.92
CA VAL B 56 -7.07 -10.35 8.95
C VAL B 56 -8.15 -9.64 9.75
N THR B 57 -7.90 -9.43 11.04
CA THR B 57 -8.90 -8.83 11.93
C THR B 57 -8.39 -7.46 12.40
N VAL B 58 -9.28 -6.46 12.38
CA VAL B 58 -8.94 -5.11 12.82
C VAL B 58 -8.99 -5.09 14.35
N SER B 59 -7.82 -5.25 14.98
CA SER B 59 -7.72 -5.38 16.43
C SER B 59 -6.57 -4.54 16.98
N ARG B 60 -6.65 -4.24 18.27
CA ARG B 60 -5.57 -3.53 18.98
C ARG B 60 -4.38 -4.43 19.33
N ASP B 61 -4.59 -5.75 19.32
CA ASP B 61 -3.53 -6.71 19.66
C ASP B 61 -2.87 -7.37 18.45
N GLY B 62 -3.40 -7.15 17.25
CA GLY B 62 -2.94 -7.86 16.06
C GLY B 62 -2.00 -7.06 15.19
N VAL B 63 -1.72 -7.60 14.01
CA VAL B 63 -0.78 -7.04 13.05
C VAL B 63 -1.15 -5.63 12.51
N LEU B 64 -2.44 -5.30 12.53
CA LEU B 64 -2.90 -3.99 12.08
C LEU B 64 -2.83 -2.90 13.16
N SER B 65 -2.53 -3.24 14.41
CA SER B 65 -2.56 -2.24 15.52
C SER B 65 -1.67 -1.00 15.34
N PRO B 66 -0.45 -1.14 14.75
CA PRO B 66 0.35 0.07 14.44
C PRO B 66 -0.27 1.04 13.42
N PHE B 67 -1.24 0.60 12.63
CA PHE B 67 -1.83 1.39 11.55
C PHE B 67 -3.22 1.95 11.83
N LEU B 68 -3.73 1.75 13.05
CA LEU B 68 -5.06 2.27 13.41
C LEU B 68 -4.99 3.77 13.67
N ASN B 69 -6.06 4.48 13.31
CA ASN B 69 -6.15 5.93 13.50
C ASN B 69 -6.54 6.22 14.96
N GLN B 70 -6.68 7.50 15.29
CA GLN B 70 -6.94 7.91 16.69
C GLN B 70 -8.26 7.37 17.28
N ASP B 71 -9.19 7.00 16.40
CA ASP B 71 -10.48 6.45 16.81
C ASP B 71 -10.50 4.91 16.85
N GLY B 72 -9.35 4.27 16.68
CA GLY B 72 -9.24 2.79 16.72
C GLY B 72 -9.55 2.06 15.42
N HIS B 73 -9.69 2.79 14.31
CA HIS B 73 -10.05 2.20 13.01
C HIS B 73 -8.90 2.19 12.02
N LEU B 74 -8.91 1.21 11.11
CA LEU B 74 -7.92 1.10 10.05
C LEU B 74 -8.37 1.93 8.87
N PRO B 75 -7.60 2.94 8.46
CA PRO B 75 -8.03 3.75 7.32
C PRO B 75 -8.22 2.89 6.05
N GLY B 76 -9.21 3.28 5.24
CA GLY B 76 -9.58 2.57 4.02
C GLY B 76 -8.48 2.35 3.01
N TRP B 77 -7.56 3.30 2.92
CA TRP B 77 -6.44 3.21 1.98
C TRP B 77 -5.47 2.06 2.22
N PHE B 78 -5.43 1.53 3.44
CA PHE B 78 -4.67 0.30 3.72
C PHE B 78 -5.20 -0.96 2.98
N ALA B 79 -6.40 -0.88 2.41
CA ALA B 79 -6.89 -1.91 1.48
C ALA B 79 -5.89 -2.29 0.38
N ILE B 80 -5.19 -1.30 -0.19
CA ILE B 80 -4.22 -1.61 -1.23
C ILE B 80 -3.06 -2.46 -0.72
N GLU B 81 -2.62 -2.22 0.51
CA GLU B 81 -1.52 -2.98 1.11
C GLU B 81 -1.95 -4.38 1.51
N MET B 82 -3.16 -4.53 2.04
CA MET B 82 -3.69 -5.85 2.34
C MET B 82 -3.88 -6.66 1.03
N MET B 83 -4.41 -6.03 -0.01
CA MET B 83 -4.55 -6.67 -1.32
C MET B 83 -3.20 -7.03 -1.96
N ALA B 84 -2.25 -6.12 -1.84
CA ALA B 84 -0.89 -6.34 -2.35
C ALA B 84 -0.25 -7.54 -1.68
N GLN B 85 -0.38 -7.61 -0.36
CA GLN B 85 0.21 -8.73 0.39
C GLN B 85 -0.48 -10.05 0.10
N ALA B 86 -1.78 -10.04 -0.17
CA ALA B 86 -2.48 -11.25 -0.61
C ALA B 86 -1.91 -11.79 -1.92
N ILE B 87 -1.56 -10.88 -2.84
CA ILE B 87 -0.91 -11.25 -4.09
C ILE B 87 0.46 -11.83 -3.79
N GLY B 88 1.16 -11.21 -2.84
CA GLY B 88 2.43 -11.73 -2.32
C GLY B 88 2.36 -13.14 -1.77
N VAL B 89 1.29 -13.45 -1.05
CA VAL B 89 1.05 -14.79 -0.51
C VAL B 89 0.84 -15.77 -1.68
N TRP B 90 0.01 -15.39 -2.65
CA TRP B 90 -0.17 -16.19 -3.87
C TRP B 90 1.15 -16.60 -4.52
N SER B 91 2.02 -15.62 -4.79
CA SER B 91 3.29 -15.92 -5.46
C SER B 91 4.22 -16.73 -4.57
N GLY B 92 4.22 -16.41 -3.27
CA GLY B 92 5.00 -17.16 -2.29
C GLY B 92 4.66 -18.64 -2.19
N TRP B 93 3.35 -18.93 -2.13
CA TRP B 93 2.83 -20.31 -2.08
C TRP B 93 3.29 -21.11 -3.30
N HIS B 94 3.13 -20.52 -4.48
CA HIS B 94 3.50 -21.18 -5.73
C HIS B 94 5.00 -21.40 -5.91
N ARG B 95 5.81 -20.46 -5.43
CA ARG B 95 7.27 -20.67 -5.36
C ARG B 95 7.66 -21.84 -4.44
N LYS B 96 6.98 -21.94 -3.29
CA LYS B 96 7.22 -23.03 -2.34
C LYS B 96 6.78 -24.40 -2.86
N GLU B 97 5.62 -24.44 -3.53
CA GLU B 97 5.16 -25.66 -4.22
C GLU B 97 6.10 -26.10 -5.34
N ARG B 98 6.69 -25.12 -6.04
CA ARG B 98 7.63 -25.39 -7.14
C ARG B 98 9.10 -25.51 -6.69
N LYS B 99 9.34 -25.57 -5.37
CA LYS B 99 10.70 -25.64 -4.79
C LYS B 99 11.66 -24.56 -5.31
N GLU B 100 11.11 -23.37 -5.56
CA GLU B 100 11.87 -22.22 -6.08
C GLU B 100 12.37 -21.42 -4.87
N ALA B 101 13.40 -20.61 -5.09
CA ALA B 101 13.95 -19.77 -4.02
C ALA B 101 12.91 -18.74 -3.57
N ASP B 102 12.86 -18.46 -2.27
CA ASP B 102 11.95 -17.46 -1.72
C ASP B 102 12.26 -16.09 -2.31
N SER B 103 11.21 -15.35 -2.68
CA SER B 103 11.36 -13.95 -3.07
C SER B 103 11.86 -13.14 -1.86
N ALA B 104 12.79 -12.21 -2.11
CA ALA B 104 13.32 -11.31 -1.08
C ALA B 104 12.75 -9.90 -1.17
N LEU B 105 12.01 -9.60 -2.22
CA LEU B 105 11.51 -8.25 -2.49
C LEU B 105 10.18 -8.31 -3.18
N GLY B 106 9.31 -7.36 -2.86
CA GLY B 106 8.01 -7.22 -3.52
C GLY B 106 7.72 -5.76 -3.71
N MET B 107 7.12 -5.41 -4.84
CA MET B 107 6.82 -4.03 -5.15
C MET B 107 5.41 -3.92 -5.69
N LEU B 108 4.70 -2.91 -5.22
CA LEU B 108 3.46 -2.51 -5.82
C LEU B 108 3.81 -1.47 -6.89
N LEU B 109 3.41 -1.73 -8.13
CA LEU B 109 3.63 -0.80 -9.26
C LEU B 109 2.44 0.13 -9.49
N GLY B 110 1.23 -0.33 -9.17
CA GLY B 110 0.06 0.49 -9.40
C GLY B 110 -1.25 -0.10 -8.93
N GLY B 111 -2.25 0.77 -8.86
CA GLY B 111 -3.60 0.40 -8.50
C GLY B 111 -4.59 1.22 -9.30
N ARG B 112 -5.75 0.65 -9.55
CA ARG B 112 -6.77 1.23 -10.41
C ARG B 112 -8.12 1.00 -9.78
N ALA B 113 -8.89 2.07 -9.64
CA ALA B 113 -10.24 2.05 -9.09
C ALA B 113 -10.36 1.21 -7.82
N VAL B 114 -9.47 1.48 -6.88
CA VAL B 114 -9.55 0.88 -5.55
C VAL B 114 -10.59 1.70 -4.78
N ARG B 115 -11.84 1.22 -4.81
CA ARG B 115 -12.98 1.97 -4.28
C ARG B 115 -13.49 1.33 -3.01
N CYS B 116 -13.61 2.14 -1.96
CA CYS B 116 -14.00 1.68 -0.63
CA CYS B 116 -14.01 1.68 -0.62
C CYS B 116 -15.39 2.20 -0.30
N GLN B 117 -16.24 1.34 0.25
CA GLN B 117 -17.58 1.73 0.67
C GLN B 117 -17.57 2.49 2.00
N VAL B 118 -16.47 2.38 2.76
CA VAL B 118 -16.31 3.09 4.03
C VAL B 118 -14.95 3.78 4.09
N PRO B 119 -14.85 4.88 4.86
CA PRO B 119 -13.58 5.60 5.00
C PRO B 119 -12.54 4.87 5.86
N ALA B 120 -13.01 4.03 6.78
CA ALA B 120 -12.13 3.21 7.62
C ALA B 120 -12.79 1.89 7.97
N PHE B 121 -11.97 0.90 8.29
CA PHE B 121 -12.48 -0.40 8.75
C PHE B 121 -12.56 -0.40 10.26
N THR B 122 -13.75 -0.66 10.80
CA THR B 122 -13.99 -0.53 12.23
C THR B 122 -13.28 -1.63 13.01
N GLN B 123 -12.81 -1.26 14.20
CA GLN B 123 -12.27 -2.16 15.20
C GLN B 123 -13.18 -3.37 15.39
N GLY B 124 -12.61 -4.57 15.38
CA GLY B 124 -13.38 -5.82 15.47
C GLY B 124 -13.79 -6.46 14.15
N SER B 125 -13.64 -5.76 13.03
CA SER B 125 -13.97 -6.31 11.72
C SER B 125 -13.02 -7.43 11.31
N VAL B 126 -13.60 -8.55 10.89
CA VAL B 126 -12.85 -9.66 10.29
C VAL B 126 -12.89 -9.44 8.77
N LEU B 127 -11.72 -9.16 8.19
CA LEU B 127 -11.61 -8.81 6.77
C LEU B 127 -11.16 -9.99 5.92
N ASP B 128 -11.91 -10.28 4.86
CA ASP B 128 -11.54 -11.32 3.88
C ASP B 128 -10.98 -10.64 2.65
N ILE B 129 -9.71 -10.92 2.35
CA ILE B 129 -9.05 -10.35 1.18
C ILE B 129 -8.95 -11.45 0.10
N GLN B 130 -9.66 -11.25 -1.00
CA GLN B 130 -9.78 -12.27 -2.07
C GLN B 130 -9.31 -11.67 -3.39
N MET B 131 -8.20 -12.19 -3.93
CA MET B 131 -7.61 -11.70 -5.18
C MET B 131 -7.71 -12.77 -6.29
N ASN B 132 -8.06 -12.32 -7.50
CA ASN B 132 -8.19 -13.15 -8.70
C ASN B 132 -7.13 -12.78 -9.73
N LEU B 133 -6.40 -13.79 -10.20
CA LEU B 133 -5.34 -13.57 -11.18
C LEU B 133 -5.91 -13.08 -12.53
N LEU B 134 -5.35 -11.99 -13.05
CA LEU B 134 -5.63 -11.56 -14.43
C LEU B 134 -4.48 -12.03 -15.33
N LEU B 135 -3.28 -11.52 -15.07
CA LEU B 135 -2.06 -11.82 -15.85
C LEU B 135 -0.84 -11.97 -14.94
N GLN B 136 0.03 -12.93 -15.23
CA GLN B 136 1.29 -13.10 -14.47
C GLN B 136 2.42 -13.67 -15.34
N ASP B 137 3.65 -13.27 -15.01
CA ASP B 137 4.88 -13.87 -15.60
C ASP B 137 5.96 -13.99 -14.51
N GLU B 138 7.22 -14.25 -14.89
CA GLU B 138 8.31 -14.41 -13.92
C GLU B 138 8.24 -13.40 -12.77
N LYS B 139 8.06 -12.12 -13.11
CA LYS B 139 8.16 -11.01 -12.14
C LYS B 139 6.91 -10.15 -11.98
N PHE B 140 6.22 -9.84 -13.10
CA PHE B 140 5.04 -8.97 -13.09
CA PHE B 140 5.04 -8.97 -13.10
C PHE B 140 3.75 -9.75 -12.83
N GLY B 141 2.85 -9.15 -12.06
CA GLY B 141 1.54 -9.74 -11.76
C GLY B 141 0.45 -8.69 -11.86
N SER B 142 -0.72 -9.11 -12.34
CA SER B 142 -1.89 -8.23 -12.44
C SER B 142 -3.09 -8.97 -11.86
N PHE B 143 -3.75 -8.36 -10.87
CA PHE B 143 -4.81 -9.02 -10.10
C PHE B 143 -5.99 -8.10 -9.88
N GLU B 144 -7.20 -8.64 -9.95
CA GLU B 144 -8.41 -7.94 -9.49
C GLU B 144 -8.69 -8.43 -8.07
N GLY B 145 -9.29 -7.57 -7.25
CA GLY B 145 -9.43 -7.84 -5.82
C GLY B 145 -10.70 -7.38 -5.15
N GLU B 146 -11.01 -8.03 -4.03
CA GLU B 146 -12.16 -7.67 -3.22
C GLU B 146 -11.82 -7.85 -1.73
N ILE B 147 -12.15 -6.83 -0.93
CA ILE B 147 -12.18 -6.97 0.53
C ILE B 147 -13.65 -7.01 0.96
N SER B 148 -13.99 -8.04 1.72
CA SER B 148 -15.34 -8.23 2.26
C SER B 148 -15.30 -8.51 3.76
N CYS B 149 -16.44 -8.30 4.40
CA CYS B 149 -16.62 -8.58 5.82
C CYS B 149 -17.94 -9.31 5.97
N TYR B 150 -17.88 -10.57 6.38
CA TYR B 150 -19.06 -11.47 6.42
C TYR B 150 -19.92 -11.42 5.13
N GLY B 151 -19.24 -11.49 3.99
CA GLY B 151 -19.91 -11.49 2.68
C GLY B 151 -20.26 -10.14 2.09
N THR B 152 -20.23 -9.08 2.91
CA THR B 152 -20.48 -7.72 2.41
C THR B 152 -19.21 -7.18 1.79
N VAL B 153 -19.29 -6.83 0.51
CA VAL B 153 -18.14 -6.28 -0.22
C VAL B 153 -17.91 -4.83 0.21
N LEU B 154 -16.71 -4.55 0.71
CA LEU B 154 -16.31 -3.21 1.17
C LEU B 154 -15.32 -2.50 0.25
N VAL B 155 -14.50 -3.26 -0.50
CA VAL B 155 -13.51 -2.68 -1.41
C VAL B 155 -13.44 -3.55 -2.67
N THR B 156 -13.34 -2.91 -3.83
CA THR B 156 -13.01 -3.59 -5.09
C THR B 156 -11.82 -2.86 -5.68
N GLY B 157 -11.08 -3.51 -6.57
CA GLY B 157 -9.89 -2.89 -7.15
C GLY B 157 -9.08 -3.79 -8.08
N ARG B 158 -8.17 -3.18 -8.83
CA ARG B 158 -7.14 -3.90 -9.57
C ARG B 158 -5.76 -3.40 -9.15
N LEU B 159 -4.83 -4.34 -8.95
CA LEU B 159 -3.45 -4.06 -8.56
C LEU B 159 -2.45 -4.66 -9.54
N ASN B 160 -1.33 -3.96 -9.73
CA ASN B 160 -0.19 -4.46 -10.49
C ASN B 160 1.03 -4.53 -9.58
N THR B 161 1.75 -5.65 -9.64
CA THR B 161 2.89 -5.91 -8.76
C THR B 161 4.13 -6.32 -9.55
N TYR B 162 5.28 -6.29 -8.87
CA TYR B 162 6.57 -6.54 -9.48
C TYR B 162 7.47 -7.15 -8.42
N GLN B 163 8.17 -8.22 -8.78
CA GLN B 163 8.99 -8.98 -7.83
C GLN B 163 10.41 -9.05 -8.38
N PRO B 164 11.21 -7.99 -8.18
CA PRO B 164 12.54 -7.95 -8.77
C PRO B 164 13.57 -8.72 -7.95
N ASN B 165 14.67 -9.10 -8.60
CA ASN B 165 15.89 -9.51 -7.90
C ASN B 165 16.50 -8.28 -7.25
N LYS B 166 17.33 -8.51 -6.23
CA LYS B 166 18.10 -7.44 -5.59
C LYS B 166 19.00 -6.71 -6.60
N THR B 167 19.62 -7.44 -7.53
CA THR B 167 20.49 -6.85 -8.55
C THR B 167 19.70 -6.01 -9.55
N GLU B 168 18.53 -6.50 -9.92
CA GLU B 168 17.61 -5.76 -10.79
C GLU B 168 17.22 -4.42 -10.16
N LEU B 169 16.96 -4.46 -8.85
CA LEU B 169 16.63 -3.27 -8.09
C LEU B 169 17.77 -2.25 -8.02
N ILE B 170 19.00 -2.75 -7.83
CA ILE B 170 20.21 -1.90 -7.87
C ILE B 170 20.36 -1.21 -9.23
N GLN B 171 20.20 -1.97 -10.30
CA GLN B 171 20.23 -1.45 -11.67
C GLN B 171 19.13 -0.40 -11.90
N LEU B 172 17.94 -0.66 -11.36
CA LEU B 172 16.81 0.29 -11.41
C LEU B 172 17.18 1.59 -10.69
N ILE B 173 17.64 1.46 -9.45
CA ILE B 173 18.05 2.60 -8.62
C ILE B 173 19.16 3.45 -9.28
N ASN B 174 20.08 2.80 -9.99
CA ASN B 174 21.29 3.46 -10.52
C ASN B 174 21.28 3.83 -12.00
N LYS B 175 20.51 3.11 -12.83
CA LYS B 175 20.52 3.34 -14.28
C LYS B 175 19.26 4.07 -14.73
NA NA C . 8.34 -13.19 5.75
#